data_1B3T
#
_entry.id   1B3T
#
_cell.length_a   60.083
_cell.length_b   64.501
_cell.length_c   111.938
_cell.angle_alpha   90.00
_cell.angle_beta   90.00
_cell.angle_gamma   90.00
#
_symmetry.space_group_name_H-M   'P 21 21 21'
#
loop_
_entity.id
_entity.type
_entity.pdbx_description
1 polymer "DNA (5'-D(*GP*GP*GP*AP*AP*GP*CP*AP*TP*AP*TP*GP*CP*TP*TP*CP*CP*C)-3')"
2 polymer 'PROTEIN (NUCLEAR PROTEIN EBNA1)'
3 water water
#
loop_
_entity_poly.entity_id
_entity_poly.type
_entity_poly.pdbx_seq_one_letter_code
_entity_poly.pdbx_strand_id
1 'polydeoxyribonucleotide' (DG)(DG)(DG)(DA)(DA)(DG)(DC)(DA)(DT)(DA)(DT)(DG)(DC)(DT)(DT)(DC)(DC)(DC) C,D
2 'polypeptide(L)'
;KGGWFGKHRGQGGSNPKFENIAEGLRALLARSHVERTTDEGTWVAGVFVYGGSKTSLYNLRRGTALAIPQCRLTPLSRLP
FGMAPGPGPQPGPLRESIVCYFMVFLQTHIFAEVLKDAIKDLVMTKPAPTCNIRVTVCSFDDGVDLP
;
A,B
#
loop_
_chem_comp.id
_chem_comp.type
_chem_comp.name
_chem_comp.formula
DA DNA linking 2'-DEOXYADENOSINE-5'-MONOPHOSPHATE 'C10 H14 N5 O6 P'
DC DNA linking 2'-DEOXYCYTIDINE-5'-MONOPHOSPHATE 'C9 H14 N3 O7 P'
DG DNA linking 2'-DEOXYGUANOSINE-5'-MONOPHOSPHATE 'C10 H14 N5 O7 P'
DT DNA linking THYMIDINE-5'-MONOPHOSPHATE 'C10 H15 N2 O8 P'
#
# COMPACT_ATOMS: atom_id res chain seq x y z
N LYS C 1 -23.98 0.71 -22.75
CA LYS C 1 -23.14 1.23 -21.62
C LYS C 1 -23.01 0.12 -20.57
N GLY C 2 -21.78 -0.18 -20.18
CA GLY C 2 -21.53 -1.20 -19.18
C GLY C 2 -21.30 -2.59 -19.74
N GLY C 3 -20.95 -3.52 -18.85
CA GLY C 3 -20.72 -4.88 -19.30
C GLY C 3 -19.26 -5.24 -19.55
N TRP C 4 -19.05 -6.34 -20.25
CA TRP C 4 -17.71 -6.82 -20.53
C TRP C 4 -17.16 -6.40 -21.89
N PHE C 5 -15.88 -6.03 -21.94
CA PHE C 5 -15.24 -5.65 -23.20
C PHE C 5 -14.03 -6.49 -23.55
N GLY C 6 -13.69 -7.46 -22.68
CA GLY C 6 -12.56 -8.33 -22.91
C GLY C 6 -11.25 -7.87 -22.31
N LYS C 7 -11.27 -6.77 -21.58
CA LYS C 7 -10.08 -6.22 -20.92
C LYS C 7 -10.09 -6.53 -19.44
N HIS C 8 -9.11 -7.34 -19.02
CA HIS C 8 -8.96 -7.76 -17.64
C HIS C 8 -8.27 -6.75 -16.73
N ARG C 9 -8.20 -7.12 -15.45
CA ARG C 9 -7.55 -6.35 -14.38
C ARG C 9 -6.10 -6.10 -14.77
N GLY C 10 -5.68 -4.84 -14.69
CA GLY C 10 -4.30 -4.49 -15.03
C GLY C 10 -4.01 -4.33 -16.52
N GLN C 11 -5.00 -4.62 -17.37
CA GLN C 11 -4.86 -4.52 -18.83
C GLN C 11 -5.33 -3.20 -19.47
N GLY C 12 -5.71 -2.21 -18.67
CA GLY C 12 -6.15 -0.93 -19.21
C GLY C 12 -5.18 -0.27 -20.17
N GLY C 13 -5.70 0.22 -21.30
CA GLY C 13 -4.87 0.89 -22.28
C GLY C 13 -5.06 2.40 -22.24
N SER C 14 -4.73 3.11 -23.31
CA SER C 14 -4.96 4.55 -23.26
C SER C 14 -6.17 5.02 -24.06
N ASN C 15 -6.69 6.17 -23.68
CA ASN C 15 -7.79 6.83 -24.35
C ASN C 15 -7.53 8.30 -24.11
N PRO C 16 -8.17 9.20 -24.86
CA PRO C 16 -7.96 10.64 -24.69
C PRO C 16 -8.16 11.20 -23.27
N LYS C 17 -9.14 10.68 -22.53
CA LYS C 17 -9.36 11.14 -21.16
C LYS C 17 -8.12 10.89 -20.30
N PHE C 18 -7.57 9.68 -20.35
CA PHE C 18 -6.39 9.33 -19.57
C PHE C 18 -5.13 9.98 -20.10
N GLU C 19 -5.05 10.11 -21.42
CA GLU C 19 -3.90 10.71 -22.03
C GLU C 19 -3.82 12.21 -21.69
N ASN C 20 -4.96 12.88 -21.51
CA ASN C 20 -4.95 14.29 -21.14
C ASN C 20 -4.34 14.46 -19.76
N ILE C 21 -4.68 13.54 -18.86
CA ILE C 21 -4.16 13.55 -17.50
C ILE C 21 -2.67 13.25 -17.54
N ALA C 22 -2.29 12.33 -18.40
CA ALA C 22 -0.90 11.95 -18.56
C ALA C 22 -0.09 13.14 -19.08
N GLU C 23 -0.60 13.84 -20.10
CA GLU C 23 0.11 15.00 -20.64
C GLU C 23 0.27 16.11 -19.60
N GLY C 24 -0.71 16.23 -18.70
CA GLY C 24 -0.64 17.20 -17.64
C GLY C 24 0.45 16.83 -16.66
N LEU C 25 0.55 15.52 -16.36
CA LEU C 25 1.56 15.03 -15.44
C LEU C 25 2.94 15.18 -16.04
N ARG C 26 3.08 14.82 -17.32
CA ARG C 26 4.35 14.90 -18.04
C ARG C 26 4.93 16.30 -18.10
N ALA C 27 4.07 17.29 -18.30
CA ALA C 27 4.50 18.68 -18.35
C ALA C 27 5.06 19.11 -17.00
N LEU C 28 4.51 18.52 -15.95
CA LEU C 28 4.94 18.83 -14.59
C LEU C 28 6.20 18.08 -14.19
N LEU C 29 6.29 16.81 -14.57
CA LEU C 29 7.47 16.00 -14.29
C LEU C 29 8.66 16.63 -15.01
N ALA C 30 8.42 17.16 -16.21
CA ALA C 30 9.45 17.80 -17.03
C ALA C 30 10.12 19.04 -16.40
N ARG C 31 9.65 19.49 -15.24
CA ARG C 31 10.30 20.63 -14.59
C ARG C 31 11.61 20.15 -13.93
N SER C 32 11.78 18.83 -13.81
CA SER C 32 12.96 18.23 -13.16
C SER C 32 13.38 16.91 -13.83
N HIS C 33 14.35 16.97 -14.75
CA HIS C 33 14.79 15.74 -15.41
C HIS C 33 15.80 15.04 -14.53
N VAL C 34 15.30 14.35 -13.51
CA VAL C 34 16.12 13.60 -12.57
C VAL C 34 16.16 12.13 -12.97
N GLU C 35 17.10 11.36 -12.41
CA GLU C 35 17.23 9.96 -12.72
C GLU C 35 16.03 9.17 -12.18
N ARG C 36 15.41 8.36 -13.04
CA ARG C 36 14.24 7.56 -12.69
C ARG C 36 14.52 6.09 -12.42
N THR C 37 15.54 5.57 -13.07
CA THR C 37 15.93 4.15 -12.93
C THR C 37 17.38 3.96 -12.52
N THR C 38 17.68 2.87 -11.83
CA THR C 38 19.05 2.58 -11.37
C THR C 38 19.67 1.34 -12.02
N ASP C 39 20.95 1.11 -11.71
CA ASP C 39 21.70 -0.04 -12.22
C ASP C 39 21.23 -1.31 -11.48
N GLU C 40 21.02 -1.15 -10.18
CA GLU C 40 20.55 -2.22 -9.30
C GLU C 40 19.13 -2.64 -9.66
N GLY C 41 18.33 -1.70 -10.19
CA GLY C 41 16.96 -1.97 -10.60
C GLY C 41 16.02 -2.30 -9.46
N THR C 42 16.33 -1.79 -8.28
CA THR C 42 15.56 -2.02 -7.07
C THR C 42 14.43 -1.00 -6.85
N TRP C 43 13.32 -1.47 -6.28
CA TRP C 43 12.15 -0.63 -5.99
C TRP C 43 12.24 -0.23 -4.53
N VAL C 44 12.97 0.85 -4.28
CA VAL C 44 13.24 1.34 -2.93
C VAL C 44 12.49 2.58 -2.47
N ALA C 45 11.72 3.18 -3.36
CA ALA C 45 10.97 4.38 -3.04
C ALA C 45 9.57 4.29 -3.61
N GLY C 46 8.71 5.21 -3.19
CA GLY C 46 7.36 5.19 -3.69
C GLY C 46 6.61 6.47 -3.42
N VAL C 47 5.33 6.43 -3.80
CA VAL C 47 4.44 7.54 -3.58
C VAL C 47 3.09 6.92 -3.21
N PHE C 48 2.54 7.36 -2.09
CA PHE C 48 1.27 6.86 -1.59
C PHE C 48 0.21 7.90 -1.94
N VAL C 49 -0.77 7.54 -2.77
CA VAL C 49 -1.83 8.45 -3.20
C VAL C 49 -3.19 8.01 -2.69
N TYR C 50 -3.93 8.93 -2.05
CA TYR C 50 -5.23 8.60 -1.47
C TYR C 50 -6.22 9.77 -1.40
N GLY C 51 -7.48 9.46 -1.13
CA GLY C 51 -8.50 10.50 -1.03
C GLY C 51 -9.25 10.87 -2.30
N GLY C 52 -9.77 12.11 -2.34
CA GLY C 52 -10.54 12.57 -3.50
C GLY C 52 -11.80 11.75 -3.58
N SER C 53 -11.98 11.02 -4.67
CA SER C 53 -13.13 10.13 -4.82
C SER C 53 -12.57 8.88 -5.52
N LYS C 54 -13.40 7.84 -5.65
CA LYS C 54 -12.99 6.61 -6.31
C LYS C 54 -12.58 6.85 -7.75
N THR C 55 -13.43 7.56 -8.52
CA THR C 55 -13.16 7.86 -9.94
C THR C 55 -12.00 8.83 -10.16
N SER C 56 -11.86 9.85 -9.31
CA SER C 56 -10.76 10.82 -9.46
C SER C 56 -9.40 10.18 -9.20
N LEU C 57 -9.32 9.27 -8.22
CA LEU C 57 -8.05 8.56 -7.94
C LEU C 57 -7.80 7.55 -9.04
N TYR C 58 -8.86 6.85 -9.46
CA TYR C 58 -8.73 5.84 -10.51
C TYR C 58 -8.16 6.47 -11.76
N ASN C 59 -8.76 7.61 -12.13
CA ASN C 59 -8.32 8.37 -13.29
C ASN C 59 -6.89 8.85 -13.14
N LEU C 60 -6.49 9.23 -11.93
CA LEU C 60 -5.12 9.65 -11.70
C LEU C 60 -4.15 8.47 -11.89
N ARG C 61 -4.57 7.30 -11.40
CA ARG C 61 -3.80 6.07 -11.51
C ARG C 61 -3.56 5.71 -12.98
N ARG C 62 -4.61 5.77 -13.81
CA ARG C 62 -4.52 5.47 -15.24
C ARG C 62 -3.61 6.44 -15.98
N GLY C 63 -3.72 7.74 -15.66
CA GLY C 63 -2.90 8.76 -16.28
C GLY C 63 -1.42 8.63 -15.92
N THR C 64 -1.13 8.33 -14.65
CA THR C 64 0.25 8.13 -14.18
C THR C 64 0.94 6.95 -14.91
N ALA C 65 0.17 5.89 -15.18
CA ALA C 65 0.67 4.72 -15.89
C ALA C 65 1.14 5.11 -17.28
N LEU C 66 0.41 6.03 -17.92
CA LEU C 66 0.76 6.50 -19.24
C LEU C 66 1.91 7.49 -19.21
N ALA C 67 1.96 8.33 -18.17
CA ALA C 67 3.02 9.33 -18.04
C ALA C 67 4.40 8.82 -17.65
N ILE C 68 4.42 7.69 -16.93
CA ILE C 68 5.66 7.12 -16.41
C ILE C 68 5.81 5.60 -16.63
N PRO C 69 6.49 5.21 -17.70
CA PRO C 69 6.76 3.82 -18.09
C PRO C 69 7.66 3.15 -17.05
N GLN C 70 8.43 3.96 -16.32
CA GLN C 70 9.37 3.48 -15.31
C GLN C 70 8.80 3.13 -13.92
N CYS C 71 7.50 3.34 -13.70
CA CYS C 71 6.92 3.04 -12.40
C CYS C 71 6.07 1.78 -12.42
N ARG C 72 5.72 1.27 -11.25
CA ARG C 72 4.85 0.09 -11.14
C ARG C 72 3.74 0.51 -10.18
N LEU C 73 2.49 0.21 -10.55
CA LEU C 73 1.31 0.60 -9.77
C LEU C 73 0.44 -0.53 -9.20
N THR C 74 -0.18 -0.27 -8.04
CA THR C 74 -1.07 -1.25 -7.44
C THR C 74 -2.50 -0.92 -7.88
N PRO C 75 -3.43 -1.88 -7.67
CA PRO C 75 -4.83 -1.62 -8.03
C PRO C 75 -5.28 -0.61 -6.93
N LEU C 76 -6.48 -0.06 -7.06
CA LEU C 76 -6.99 0.81 -6.02
C LEU C 76 -7.41 -0.13 -4.90
N SER C 77 -7.34 0.33 -3.66
CA SER C 77 -7.77 -0.46 -2.53
C SER C 77 -8.31 0.50 -1.49
N ARG C 78 -8.68 -0.01 -0.33
CA ARG C 78 -9.26 0.84 0.72
C ARG C 78 -8.41 1.06 1.95
N LEU C 79 -8.62 2.21 2.56
CA LEU C 79 -7.89 2.63 3.74
C LEU C 79 -8.69 2.31 5.01
N PRO C 80 -7.99 1.97 6.10
CA PRO C 80 -8.73 1.68 7.35
C PRO C 80 -8.97 3.04 8.03
N PHE C 81 -9.67 3.05 9.14
CA PHE C 81 -9.92 4.33 9.82
C PHE C 81 -8.75 4.70 10.74
N GLY C 82 -8.69 5.99 11.12
CA GLY C 82 -7.64 6.47 12.01
C GLY C 82 -8.01 6.35 13.49
N MET C 83 -7.70 7.39 14.25
CA MET C 83 -8.01 7.43 15.67
C MET C 83 -9.38 8.02 15.84
N ALA C 84 -10.20 7.39 16.66
CA ALA C 84 -11.52 7.94 16.95
C ALA C 84 -11.28 9.02 18.01
N PRO C 85 -12.12 10.05 18.05
CA PRO C 85 -11.90 11.09 19.06
C PRO C 85 -12.32 10.74 20.51
N GLY C 86 -11.41 11.00 21.45
CA GLY C 86 -11.68 10.76 22.87
C GLY C 86 -11.21 9.46 23.54
N PRO C 87 -11.50 9.32 24.84
CA PRO C 87 -11.14 8.15 25.65
C PRO C 87 -12.14 7.02 25.38
N GLY C 88 -12.96 7.24 24.34
CA GLY C 88 -13.97 6.30 23.91
C GLY C 88 -13.38 5.08 23.20
N PRO C 89 -14.22 4.27 22.51
CA PRO C 89 -13.77 3.07 21.79
C PRO C 89 -13.17 3.29 20.41
N GLN C 90 -12.03 2.67 20.15
CA GLN C 90 -11.36 2.78 18.85
C GLN C 90 -11.89 1.72 17.89
N PRO C 91 -11.82 1.98 16.57
CA PRO C 91 -12.30 0.98 15.60
C PRO C 91 -11.30 -0.18 15.53
N GLY C 92 -11.75 -1.38 15.18
CA GLY C 92 -10.84 -2.51 15.08
C GLY C 92 -9.86 -2.28 13.94
N PRO C 93 -8.61 -2.79 14.01
CA PRO C 93 -7.58 -2.63 12.97
C PRO C 93 -8.05 -2.94 11.55
N LEU C 94 -8.93 -3.93 11.42
CA LEU C 94 -9.46 -4.36 10.13
C LEU C 94 -10.56 -3.54 9.49
N ARG C 95 -11.23 -2.67 10.25
CA ARG C 95 -12.34 -1.87 9.71
C ARG C 95 -11.95 -0.99 8.50
N GLU C 96 -12.69 -1.11 7.39
CA GLU C 96 -12.37 -0.31 6.22
C GLU C 96 -13.34 0.85 5.93
N SER C 97 -12.77 1.96 5.51
CA SER C 97 -13.54 3.14 5.14
C SER C 97 -13.85 3.04 3.66
N ILE C 98 -14.49 4.07 3.12
CA ILE C 98 -14.83 4.09 1.70
C ILE C 98 -13.70 4.77 0.91
N VAL C 99 -12.77 5.39 1.65
CA VAL C 99 -11.63 6.12 1.07
C VAL C 99 -10.62 5.15 0.44
N CYS C 100 -10.25 5.42 -0.82
CA CYS C 100 -9.30 4.60 -1.56
C CYS C 100 -7.88 5.16 -1.60
N TYR C 101 -6.96 4.33 -2.08
CA TYR C 101 -5.56 4.70 -2.22
C TYR C 101 -4.96 3.77 -3.23
N PHE C 102 -3.73 4.09 -3.63
CA PHE C 102 -2.95 3.24 -4.51
C PHE C 102 -1.49 3.62 -4.29
N MET C 103 -0.60 2.69 -4.59
CA MET C 103 0.82 2.92 -4.43
C MET C 103 1.59 2.93 -5.74
N VAL C 104 2.57 3.84 -5.83
CA VAL C 104 3.43 3.92 -7.00
C VAL C 104 4.83 3.51 -6.53
N PHE C 105 5.41 2.50 -7.18
CA PHE C 105 6.76 2.03 -6.84
C PHE C 105 7.73 2.67 -7.83
N LEU C 106 8.82 3.18 -7.29
CA LEU C 106 9.86 3.85 -8.07
C LEU C 106 11.23 3.34 -7.64
N GLN C 107 12.20 3.54 -8.52
CA GLN C 107 13.56 3.08 -8.28
C GLN C 107 14.46 4.09 -7.59
N THR C 108 14.02 5.34 -7.53
CA THR C 108 14.82 6.34 -6.87
C THR C 108 13.94 7.19 -5.96
N HIS C 109 14.55 7.64 -4.88
CA HIS C 109 13.89 8.50 -3.90
C HIS C 109 13.75 9.89 -4.50
N ILE C 110 14.75 10.32 -5.27
CA ILE C 110 14.72 11.63 -5.93
C ILE C 110 13.53 11.73 -6.92
N PHE C 111 13.24 10.65 -7.65
CA PHE C 111 12.13 10.69 -8.60
C PHE C 111 10.80 10.68 -7.86
N ALA C 112 10.76 10.00 -6.72
CA ALA C 112 9.56 9.93 -5.90
C ALA C 112 9.13 11.33 -5.42
N GLU C 113 10.10 12.12 -5.00
CA GLU C 113 9.84 13.47 -4.51
C GLU C 113 9.35 14.35 -5.67
N VAL C 114 9.84 14.09 -6.87
CA VAL C 114 9.43 14.83 -8.05
C VAL C 114 7.98 14.45 -8.44
N LEU C 115 7.66 13.15 -8.45
CA LEU C 115 6.31 12.70 -8.79
C LEU C 115 5.31 13.29 -7.81
N LYS C 116 5.66 13.27 -6.53
CA LYS C 116 4.80 13.81 -5.49
C LYS C 116 4.52 15.31 -5.72
N ASP C 117 5.53 16.09 -6.10
CA ASP C 117 5.34 17.52 -6.36
C ASP C 117 4.47 17.72 -7.60
N ALA C 118 4.64 16.85 -8.59
CA ALA C 118 3.83 16.91 -9.80
C ALA C 118 2.35 16.63 -9.50
N ILE C 119 2.04 15.58 -8.72
CA ILE C 119 0.65 15.25 -8.40
C ILE C 119 -0.04 16.33 -7.59
N LYS C 120 0.63 16.87 -6.57
CA LYS C 120 0.03 17.93 -5.77
C LYS C 120 -0.21 19.21 -6.62
N ASP C 121 0.69 19.50 -7.57
CA ASP C 121 0.56 20.69 -8.42
C ASP C 121 -0.54 20.55 -9.44
N LEU C 122 -0.67 19.35 -9.99
CA LEU C 122 -1.67 19.03 -11.01
C LEU C 122 -3.09 19.10 -10.45
N VAL C 123 -3.22 18.70 -9.19
CA VAL C 123 -4.50 18.61 -8.49
C VAL C 123 -4.96 19.86 -7.72
N MET C 124 -4.02 20.74 -7.41
CA MET C 124 -4.36 21.94 -6.65
C MET C 124 -5.25 22.97 -7.38
N THR C 125 -5.23 22.95 -8.72
CA THR C 125 -6.02 23.88 -9.50
C THR C 125 -7.37 23.32 -9.96
N LYS C 126 -7.67 22.10 -9.55
CA LYS C 126 -8.91 21.43 -9.95
C LYS C 126 -9.98 21.57 -8.88
N PRO C 127 -11.26 21.41 -9.24
CA PRO C 127 -12.28 21.55 -8.20
C PRO C 127 -12.39 20.25 -7.41
N ALA C 128 -13.15 20.25 -6.32
CA ALA C 128 -13.36 19.03 -5.55
C ALA C 128 -14.09 18.06 -6.51
N PRO C 129 -13.90 16.74 -6.32
CA PRO C 129 -13.10 16.08 -5.29
C PRO C 129 -11.61 15.96 -5.63
N THR C 130 -11.26 16.21 -6.87
CA THR C 130 -9.88 16.05 -7.29
C THR C 130 -8.88 16.86 -6.47
N CYS C 131 -9.20 18.09 -6.15
CA CYS C 131 -8.29 18.92 -5.37
C CYS C 131 -8.05 18.31 -3.96
N ASN C 132 -8.91 17.39 -3.55
CA ASN C 132 -8.80 16.77 -2.24
C ASN C 132 -7.98 15.49 -2.24
N ILE C 133 -7.32 15.17 -3.36
CA ILE C 133 -6.49 13.98 -3.38
C ILE C 133 -5.23 14.32 -2.60
N ARG C 134 -4.77 13.37 -1.77
CA ARG C 134 -3.57 13.54 -0.94
C ARG C 134 -2.43 12.61 -1.39
N VAL C 135 -1.19 13.05 -1.19
CA VAL C 135 -0.02 12.28 -1.60
C VAL C 135 1.16 12.41 -0.64
N THR C 136 1.93 11.33 -0.52
CA THR C 136 3.13 11.36 0.31
C THR C 136 4.17 10.40 -0.23
N VAL C 137 5.43 10.77 -0.04
CA VAL C 137 6.58 9.95 -0.45
C VAL C 137 6.75 8.87 0.63
N CYS C 138 7.07 7.67 0.17
CA CYS C 138 7.24 6.54 1.05
C CYS C 138 8.62 5.91 0.81
N SER C 139 9.42 5.81 1.87
CA SER C 139 10.75 5.20 1.75
C SER C 139 10.62 3.78 2.27
N PHE C 140 11.07 2.80 1.49
CA PHE C 140 11.02 1.41 1.94
C PHE C 140 12.42 1.02 2.48
N ASP C 141 12.53 0.73 3.77
CA ASP C 141 13.82 0.37 4.37
C ASP C 141 14.61 -0.73 3.66
N ASP C 142 13.91 -1.74 3.17
CA ASP C 142 14.57 -2.86 2.49
C ASP C 142 14.24 -2.97 1.01
N GLY C 143 13.34 -2.15 0.49
CA GLY C 143 12.99 -2.26 -0.91
C GLY C 143 11.93 -3.34 -1.08
N VAL C 144 11.23 -3.36 -2.21
CA VAL C 144 10.18 -4.33 -2.46
C VAL C 144 10.53 -5.16 -3.66
N ASP C 145 10.60 -6.48 -3.50
CA ASP C 145 10.91 -7.34 -4.62
C ASP C 145 9.66 -7.71 -5.38
N LEU C 146 9.30 -6.85 -6.31
CA LEU C 146 8.13 -7.02 -7.16
C LEU C 146 8.34 -8.27 -7.98
N PRO C 147 7.30 -9.12 -8.10
CA PRO C 147 7.44 -10.36 -8.87
C PRO C 147 7.84 -10.17 -10.34
N LYS D 1 -20.32 -25.84 4.20
CA LYS D 1 -19.09 -25.12 3.74
C LYS D 1 -19.37 -24.05 2.66
N GLY D 2 -18.89 -22.83 2.89
CA GLY D 2 -19.07 -21.73 1.94
C GLY D 2 -20.33 -20.88 2.07
N GLY D 3 -20.35 -19.76 1.38
CA GLY D 3 -21.54 -18.92 1.42
C GLY D 3 -21.46 -17.69 2.31
N TRP D 4 -22.64 -17.14 2.62
CA TRP D 4 -22.76 -15.92 3.42
C TRP D 4 -22.88 -16.25 4.89
N PHE D 5 -22.18 -15.47 5.71
CA PHE D 5 -22.20 -15.65 7.17
C PHE D 5 -22.47 -14.34 7.90
N GLY D 6 -23.01 -13.36 7.18
CA GLY D 6 -23.33 -12.08 7.79
C GLY D 6 -22.19 -11.15 8.16
N LYS D 7 -20.96 -11.54 7.86
CA LYS D 7 -19.79 -10.69 8.17
C LYS D 7 -19.27 -9.98 6.92
N HIS D 8 -19.46 -8.67 6.88
CA HIS D 8 -19.02 -7.82 5.76
C HIS D 8 -17.51 -7.54 5.82
N ARG D 9 -16.98 -6.94 4.76
CA ARG D 9 -15.56 -6.58 4.68
C ARG D 9 -15.12 -5.78 5.88
N GLY D 10 -14.00 -6.18 6.48
CA GLY D 10 -13.46 -5.49 7.64
C GLY D 10 -14.04 -5.91 8.97
N GLN D 11 -15.09 -6.74 8.93
CA GLN D 11 -15.77 -7.20 10.15
C GLN D 11 -15.24 -8.51 10.79
N GLY D 12 -14.17 -9.08 10.24
CA GLY D 12 -13.66 -10.30 10.81
C GLY D 12 -13.48 -10.26 12.33
N GLY D 13 -13.79 -11.38 12.97
CA GLY D 13 -13.64 -11.46 14.41
C GLY D 13 -12.46 -12.34 14.77
N SER D 14 -12.54 -13.01 15.91
CA SER D 14 -11.45 -13.87 16.32
C SER D 14 -11.87 -15.31 16.40
N ASN D 15 -10.92 -16.19 16.16
CA ASN D 15 -11.15 -17.61 16.24
C ASN D 15 -9.79 -18.16 16.64
N PRO D 16 -9.76 -19.38 17.17
CA PRO D 16 -8.49 -19.99 17.59
C PRO D 16 -7.36 -20.00 16.55
N LYS D 17 -7.70 -20.13 15.26
CA LYS D 17 -6.68 -20.12 14.23
C LYS D 17 -5.90 -18.79 14.26
N PHE D 18 -6.63 -17.70 14.27
CA PHE D 18 -6.04 -16.36 14.26
C PHE D 18 -5.53 -15.93 15.62
N GLU D 19 -6.14 -16.47 16.68
CA GLU D 19 -5.72 -16.18 18.03
C GLU D 19 -4.35 -16.86 18.25
N ASN D 20 -4.17 -18.06 17.71
CA ASN D 20 -2.90 -18.79 17.81
C ASN D 20 -1.77 -17.99 17.15
N ILE D 21 -2.07 -17.36 16.01
CA ILE D 21 -1.09 -16.54 15.29
C ILE D 21 -0.83 -15.28 16.11
N ALA D 22 -1.90 -14.71 16.66
CA ALA D 22 -1.80 -13.50 17.47
C ALA D 22 -0.93 -13.71 18.69
N GLU D 23 -1.12 -14.83 19.37
CA GLU D 23 -0.35 -15.14 20.56
C GLU D 23 1.14 -15.27 20.28
N GLY D 24 1.50 -15.83 19.14
CA GLY D 24 2.90 -15.95 18.76
C GLY D 24 3.53 -14.58 18.51
N LEU D 25 2.76 -13.71 17.85
CA LEU D 25 3.20 -12.35 17.58
C LEU D 25 3.36 -11.60 18.88
N ARG D 26 2.38 -11.75 19.77
CA ARG D 26 2.38 -11.10 21.07
C ARG D 26 3.64 -11.41 21.89
N ALA D 27 4.00 -12.69 21.95
CA ALA D 27 5.15 -13.15 22.72
C ALA D 27 6.43 -12.52 22.20
N LEU D 28 6.49 -12.30 20.90
CA LEU D 28 7.67 -11.67 20.34
C LEU D 28 7.72 -10.18 20.64
N LEU D 29 6.57 -9.50 20.52
CA LEU D 29 6.49 -8.08 20.79
C LEU D 29 6.76 -7.75 22.24
N ALA D 30 6.43 -8.69 23.14
CA ALA D 30 6.61 -8.48 24.57
C ALA D 30 8.06 -8.37 25.01
N ARG D 31 8.98 -8.94 24.25
CA ARG D 31 10.41 -8.84 24.57
C ARG D 31 10.83 -7.38 24.32
N SER D 32 10.19 -6.74 23.34
CA SER D 32 10.42 -5.34 22.95
C SER D 32 9.12 -4.62 23.32
N HIS D 33 9.04 -4.16 24.55
CA HIS D 33 7.87 -3.47 25.06
C HIS D 33 7.97 -1.97 24.79
N VAL D 34 7.95 -1.56 23.52
CA VAL D 34 8.06 -0.13 23.17
C VAL D 34 6.69 0.58 23.08
N GLU D 35 6.73 1.89 22.92
CA GLU D 35 5.53 2.69 22.81
C GLU D 35 4.91 2.47 21.42
N ARG D 36 3.60 2.27 21.37
CA ARG D 36 2.89 2.02 20.12
C ARG D 36 2.05 3.20 19.66
N THR D 37 1.76 4.11 20.56
CA THR D 37 0.95 5.26 20.20
C THR D 37 1.62 6.55 20.68
N THR D 38 1.36 7.64 19.95
CA THR D 38 1.92 8.97 20.26
C THR D 38 0.79 9.84 20.76
N ASP D 39 1.10 11.06 21.17
CA ASP D 39 0.01 11.93 21.62
C ASP D 39 -0.60 12.69 20.43
N GLU D 40 0.21 12.95 19.41
CA GLU D 40 -0.29 13.64 18.22
C GLU D 40 -1.13 12.69 17.37
N GLY D 41 -1.07 11.40 17.70
CA GLY D 41 -1.85 10.38 17.01
C GLY D 41 -1.81 10.27 15.50
N THR D 42 -0.67 10.65 14.92
CA THR D 42 -0.45 10.63 13.47
C THR D 42 0.13 9.30 13.00
N TRP D 43 -0.28 8.85 11.82
CA TRP D 43 0.22 7.59 11.26
C TRP D 43 1.39 7.92 10.35
N VAL D 44 2.60 7.75 10.90
CA VAL D 44 3.83 8.09 10.19
C VAL D 44 4.68 6.98 9.63
N ALA D 45 4.39 5.74 10.01
CA ALA D 45 5.18 4.62 9.49
C ALA D 45 4.31 3.44 9.25
N GLY D 46 4.86 2.45 8.59
CA GLY D 46 4.10 1.25 8.34
C GLY D 46 4.97 0.05 8.08
N VAL D 47 4.32 -1.11 7.99
CA VAL D 47 4.99 -2.33 7.68
C VAL D 47 4.27 -2.88 6.44
N PHE D 48 5.02 -3.02 5.37
CA PHE D 48 4.52 -3.51 4.09
C PHE D 48 4.80 -5.03 4.03
N VAL D 49 3.74 -5.85 4.05
CA VAL D 49 3.88 -7.32 4.06
C VAL D 49 3.44 -7.93 2.76
N TYR D 50 4.19 -8.90 2.22
CA TYR D 50 3.81 -9.47 0.94
C TYR D 50 4.37 -10.88 0.66
N GLY D 51 3.90 -11.52 -0.40
CA GLY D 51 4.40 -12.84 -0.76
C GLY D 51 3.78 -13.99 0.01
N GLY D 52 4.39 -15.17 -0.06
CA GLY D 52 3.86 -16.34 0.62
C GLY D 52 2.80 -16.94 -0.26
N SER D 53 1.54 -16.73 0.11
CA SER D 53 0.39 -17.22 -0.65
C SER D 53 -0.78 -16.37 -0.17
N LYS D 54 -1.87 -16.38 -0.92
CA LYS D 54 -3.02 -15.60 -0.52
C LYS D 54 -3.52 -15.93 0.89
N THR D 55 -3.65 -17.21 1.23
CA THR D 55 -4.15 -17.56 2.57
C THR D 55 -3.21 -17.27 3.73
N SER D 56 -1.93 -17.64 3.61
CA SER D 56 -0.97 -17.38 4.67
C SER D 56 -0.84 -15.87 4.98
N LEU D 57 -0.88 -15.03 3.95
CA LEU D 57 -0.82 -13.59 4.15
C LEU D 57 -2.10 -13.17 4.90
N TYR D 58 -3.25 -13.69 4.45
CA TYR D 58 -4.55 -13.36 5.04
C TYR D 58 -4.57 -13.71 6.51
N ASN D 59 -4.16 -14.93 6.82
CA ASN D 59 -4.11 -15.42 8.20
C ASN D 59 -3.17 -14.57 9.04
N LEU D 60 -2.03 -14.15 8.46
CA LEU D 60 -1.08 -13.30 9.18
C LEU D 60 -1.73 -11.97 9.47
N ARG D 61 -2.49 -11.47 8.49
CA ARG D 61 -3.22 -10.22 8.60
C ARG D 61 -4.28 -10.27 9.74
N ARG D 62 -5.03 -11.36 9.82
CA ARG D 62 -6.03 -11.52 10.87
C ARG D 62 -5.42 -11.68 12.26
N GLY D 63 -4.27 -12.35 12.34
CA GLY D 63 -3.56 -12.53 13.59
C GLY D 63 -2.99 -11.20 14.05
N THR D 64 -2.41 -10.44 13.12
CA THR D 64 -1.85 -9.13 13.45
C THR D 64 -2.92 -8.23 14.05
N ALA D 65 -4.13 -8.31 13.51
CA ALA D 65 -5.27 -7.52 13.96
C ALA D 65 -5.57 -7.78 15.42
N LEU D 66 -5.57 -9.05 15.81
CA LEU D 66 -5.86 -9.41 17.19
C LEU D 66 -4.76 -9.02 18.14
N ALA D 67 -3.50 -9.19 17.72
CA ALA D 67 -2.34 -8.86 18.55
C ALA D 67 -2.06 -7.37 18.72
N ILE D 68 -2.47 -6.56 17.74
CA ILE D 68 -2.19 -5.11 17.80
C ILE D 68 -3.40 -4.19 17.55
N PRO D 69 -4.16 -3.88 18.61
CA PRO D 69 -5.32 -3.01 18.48
C PRO D 69 -4.91 -1.59 18.13
N GLN D 70 -3.63 -1.30 18.31
CA GLN D 70 -3.08 0.04 18.04
C GLN D 70 -2.67 0.27 16.58
N CYS D 71 -2.70 -0.76 15.75
CA CYS D 71 -2.34 -0.59 14.35
C CYS D 71 -3.61 -0.47 13.49
N ARG D 72 -3.43 -0.31 12.19
CA ARG D 72 -4.56 -0.24 11.24
C ARG D 72 -4.17 -1.06 10.03
N LEU D 73 -5.13 -1.76 9.42
CA LEU D 73 -4.85 -2.64 8.29
C LEU D 73 -5.71 -2.41 7.04
N THR D 74 -5.05 -2.49 5.90
CA THR D 74 -5.73 -2.36 4.62
C THR D 74 -6.18 -3.79 4.30
N PRO D 75 -7.02 -3.94 3.27
CA PRO D 75 -7.45 -5.27 2.88
C PRO D 75 -6.25 -5.85 2.12
N LEU D 76 -6.35 -7.08 1.64
CA LEU D 76 -5.27 -7.62 0.83
C LEU D 76 -5.50 -7.03 -0.58
N SER D 77 -4.41 -6.88 -1.34
CA SER D 77 -4.48 -6.41 -2.71
C SER D 77 -3.32 -7.05 -3.47
N ARG D 78 -3.17 -6.69 -4.74
CA ARG D 78 -2.14 -7.24 -5.60
C ARG D 78 -0.99 -6.32 -5.97
N LEU D 79 0.14 -6.95 -6.28
CA LEU D 79 1.38 -6.28 -6.60
C LEU D 79 1.65 -6.28 -8.09
N PRO D 80 2.21 -5.17 -8.63
CA PRO D 80 2.51 -5.17 -10.07
C PRO D 80 3.81 -5.97 -10.27
N PHE D 81 4.23 -6.13 -11.51
CA PHE D 81 5.45 -6.87 -11.81
C PHE D 81 6.64 -5.93 -11.71
N GLY D 82 7.86 -6.46 -11.69
CA GLY D 82 9.04 -5.61 -11.60
C GLY D 82 9.75 -5.33 -12.94
N MET D 83 11.06 -5.49 -12.94
CA MET D 83 11.87 -5.26 -14.14
C MET D 83 12.13 -6.55 -14.89
N ALA D 84 12.00 -6.51 -16.21
CA ALA D 84 12.32 -7.67 -17.02
C ALA D 84 13.83 -7.54 -17.28
N PRO D 85 14.53 -8.66 -17.47
CA PRO D 85 15.97 -8.54 -17.73
C PRO D 85 16.13 -8.31 -19.23
N GLY D 86 17.24 -7.74 -19.65
CA GLY D 86 17.44 -7.54 -21.08
C GLY D 86 17.13 -6.14 -21.56
N PRO D 87 17.46 -5.85 -22.84
CA PRO D 87 17.23 -4.54 -23.48
C PRO D 87 15.81 -4.29 -23.96
N GLY D 88 15.00 -5.36 -24.03
CA GLY D 88 13.63 -5.27 -24.50
C GLY D 88 12.61 -4.45 -23.71
N PRO D 89 11.33 -4.50 -24.14
CA PRO D 89 10.24 -3.77 -23.48
C PRO D 89 9.98 -4.20 -22.03
N GLN D 90 9.46 -3.29 -21.22
CA GLN D 90 9.13 -3.64 -19.82
C GLN D 90 7.63 -3.79 -19.65
N PRO D 91 7.17 -4.51 -18.61
CA PRO D 91 5.73 -4.64 -18.46
C PRO D 91 5.10 -3.27 -18.13
N GLY D 92 3.84 -3.11 -18.53
CA GLY D 92 3.15 -1.85 -18.29
C GLY D 92 3.00 -1.61 -16.80
N PRO D 93 3.04 -0.36 -16.35
CA PRO D 93 2.90 -0.02 -14.94
C PRO D 93 1.65 -0.58 -14.26
N LEU D 94 0.58 -0.84 -15.02
CA LEU D 94 -0.68 -1.38 -14.47
C LEU D 94 -0.78 -2.91 -14.36
N ARG D 95 0.06 -3.67 -15.06
CA ARG D 95 -0.02 -5.14 -15.02
C ARG D 95 0.04 -5.71 -13.60
N GLU D 96 -0.89 -6.60 -13.28
CA GLU D 96 -0.88 -7.14 -11.93
C GLU D 96 -0.52 -8.59 -11.89
N SER D 97 0.15 -8.98 -10.81
CA SER D 97 0.54 -10.37 -10.59
C SER D 97 -0.49 -10.99 -9.64
N ILE D 98 -0.30 -12.28 -9.35
CA ILE D 98 -1.15 -13.06 -8.44
C ILE D 98 -0.66 -12.83 -7.00
N VAL D 99 0.51 -12.20 -6.87
CA VAL D 99 1.13 -11.92 -5.57
C VAL D 99 0.41 -10.85 -4.77
N CYS D 100 0.10 -11.17 -3.52
CA CYS D 100 -0.63 -10.26 -2.64
C CYS D 100 0.24 -9.52 -1.63
N TYR D 101 -0.36 -8.46 -1.07
CA TYR D 101 0.29 -7.65 -0.04
C TYR D 101 -0.77 -6.99 0.82
N PHE D 102 -0.34 -6.45 1.95
CA PHE D 102 -1.20 -5.67 2.82
C PHE D 102 -0.26 -4.69 3.52
N MET D 103 -0.83 -3.65 4.11
CA MET D 103 -0.05 -2.65 4.80
C MET D 103 -0.55 -2.45 6.23
N VAL D 104 0.40 -2.31 7.16
CA VAL D 104 0.08 -2.07 8.57
C VAL D 104 0.48 -0.62 8.84
N PHE D 105 -0.46 0.21 9.27
CA PHE D 105 -0.14 1.61 9.58
C PHE D 105 0.11 1.69 11.08
N LEU D 106 1.17 2.42 11.44
CA LEU D 106 1.59 2.60 12.83
C LEU D 106 1.91 4.05 13.16
N GLN D 107 1.78 4.38 14.44
CA GLN D 107 2.06 5.73 14.93
C GLN D 107 3.51 6.11 15.22
N THR D 108 4.39 5.12 15.39
CA THR D 108 5.80 5.38 15.67
C THR D 108 6.70 4.54 14.77
N HIS D 109 7.87 5.09 14.46
CA HIS D 109 8.84 4.38 13.63
C HIS D 109 9.52 3.27 14.44
N ILE D 110 9.71 3.50 15.75
CA ILE D 110 10.33 2.51 16.63
C ILE D 110 9.48 1.21 16.64
N PHE D 111 8.15 1.35 16.78
CA PHE D 111 7.26 0.20 16.81
C PHE D 111 7.11 -0.53 15.46
N ALA D 112 7.26 0.19 14.36
CA ALA D 112 7.19 -0.45 13.04
C ALA D 112 8.43 -1.32 12.87
N GLU D 113 9.57 -0.79 13.31
CA GLU D 113 10.84 -1.51 13.22
C GLU D 113 10.79 -2.79 14.04
N VAL D 114 10.15 -2.71 15.22
CA VAL D 114 9.98 -3.86 16.12
C VAL D 114 8.99 -4.85 15.51
N LEU D 115 7.86 -4.33 15.00
CA LEU D 115 6.83 -5.19 14.39
C LEU D 115 7.40 -5.98 13.22
N LYS D 116 8.25 -5.33 12.40
CA LYS D 116 8.87 -5.97 11.24
C LYS D 116 9.71 -7.19 11.63
N ASP D 117 10.55 -7.01 12.66
CA ASP D 117 11.45 -8.05 13.21
C ASP D 117 10.70 -9.26 13.73
N ALA D 118 9.59 -8.99 14.41
CA ALA D 118 8.74 -10.01 15.01
C ALA D 118 8.06 -10.86 13.96
N ILE D 119 7.61 -10.21 12.90
CA ILE D 119 6.93 -10.89 11.79
C ILE D 119 7.94 -11.76 11.05
N LYS D 120 9.13 -11.22 10.77
CA LYS D 120 10.20 -11.99 10.10
C LYS D 120 10.54 -13.20 11.00
N ASP D 121 10.65 -12.97 12.32
CA ASP D 121 10.96 -14.07 13.26
C ASP D 121 9.89 -15.12 13.36
N LEU D 122 8.63 -14.69 13.31
CA LEU D 122 7.49 -15.60 13.41
C LEU D 122 7.44 -16.55 12.21
N VAL D 123 7.63 -15.98 11.05
CA VAL D 123 7.54 -16.69 9.80
C VAL D 123 8.75 -17.55 9.37
N MET D 124 9.94 -17.23 9.86
CA MET D 124 11.13 -17.96 9.42
C MET D 124 11.32 -19.40 9.87
N THR D 125 10.55 -19.81 10.87
CA THR D 125 10.61 -21.17 11.40
C THR D 125 9.63 -22.13 10.69
N LYS D 126 8.70 -21.55 9.93
CA LYS D 126 7.65 -22.31 9.28
C LYS D 126 7.96 -22.82 7.88
N PRO D 127 7.14 -23.79 7.40
CA PRO D 127 7.25 -24.40 6.09
C PRO D 127 6.75 -23.44 5.03
N ALA D 128 6.97 -23.79 3.78
CA ALA D 128 6.51 -23.00 2.65
C ALA D 128 5.00 -23.19 2.68
N PRO D 129 4.23 -22.20 2.21
CA PRO D 129 4.68 -20.92 1.65
C PRO D 129 4.85 -19.81 2.68
N THR D 130 4.45 -20.08 3.91
CA THR D 130 4.52 -19.08 4.97
C THR D 130 5.88 -18.46 5.24
N CYS D 131 6.93 -19.29 5.19
CA CYS D 131 8.29 -18.80 5.42
C CYS D 131 8.75 -17.89 4.28
N ASN D 132 8.00 -17.88 3.17
CA ASN D 132 8.32 -17.04 2.02
C ASN D 132 7.72 -15.64 2.12
N ILE D 133 6.97 -15.35 3.17
CA ILE D 133 6.38 -14.02 3.32
C ILE D 133 7.52 -13.02 3.55
N ARG D 134 7.42 -11.85 2.89
CA ARG D 134 8.42 -10.79 2.98
C ARG D 134 7.90 -9.54 3.70
N VAL D 135 8.78 -8.87 4.44
CA VAL D 135 8.41 -7.67 5.20
C VAL D 135 9.41 -6.52 5.10
N THR D 136 8.92 -5.29 4.98
CA THR D 136 9.81 -4.13 4.96
C THR D 136 9.15 -2.94 5.65
N VAL D 137 9.96 -2.11 6.32
CA VAL D 137 9.44 -0.93 6.98
C VAL D 137 9.30 0.19 5.96
N CYS D 138 8.17 0.89 6.10
CA CYS D 138 7.74 1.99 5.25
C CYS D 138 7.71 3.28 6.07
N SER D 139 8.38 4.31 5.59
CA SER D 139 8.39 5.58 6.31
C SER D 139 7.63 6.60 5.46
N PHE D 140 6.54 7.13 6.01
CA PHE D 140 5.73 8.09 5.28
C PHE D 140 6.24 9.48 5.56
N ASP D 141 6.86 10.10 4.56
CA ASP D 141 7.42 11.43 4.74
C ASP D 141 6.40 12.43 5.28
N ASP D 142 5.23 12.49 4.67
CA ASP D 142 4.22 13.44 5.12
C ASP D 142 3.12 12.81 5.94
N GLY D 143 3.35 11.57 6.37
CA GLY D 143 2.34 10.86 7.14
C GLY D 143 1.14 10.52 6.28
N VAL D 144 0.22 9.71 6.81
CA VAL D 144 -1.00 9.35 6.06
C VAL D 144 -2.18 9.71 6.94
N ASP D 145 -3.09 10.53 6.39
CA ASP D 145 -4.28 10.94 7.15
C ASP D 145 -5.43 9.98 7.01
N LEU D 146 -5.38 8.89 7.79
CA LEU D 146 -6.42 7.87 7.78
C LEU D 146 -7.78 8.47 8.17
N PRO D 147 -8.85 8.10 7.43
CA PRO D 147 -10.21 8.61 7.68
C PRO D 147 -10.79 8.56 9.12
#